data_7L3L
#
_entry.id   7L3L
#
_cell.length_a   41.597
_cell.length_b   106.062
_cell.length_c   94.427
_cell.angle_alpha   90.00
_cell.angle_beta   102.64
_cell.angle_gamma   90.00
#
_symmetry.space_group_name_H-M   'P 1 21 1'
#
loop_
_entity.id
_entity.type
_entity.pdbx_description
1 polymer 'TNF receptor-associated factor 5'
2 polymer 'TNF receptor-associated factor 6'
3 non-polymer 'ZINC ION'
#
loop_
_entity_poly.entity_id
_entity_poly.type
_entity_poly.pdbx_seq_one_letter_code
_entity_poly.pdbx_strand_id
1 'polypeptide(L)'
;ISLDFEPSIEYQFVERLEERYKCAFCHSVLHNPHQTGCGHRFCQHCILSLRELNTVPICPVDKEVIKSQEVFKDNCCKRE
VLNLYVYCSNAPGCNAKVILGRYQDHLQQCLFQPVQCSNEKCREPVLRKDLKEHLSASCQFR
;
A,C
2 'polypeptide(L)'
;EIQGYDVEFDPPLESKYECPICLMALREAVQTPCGHRFCKACIIKSIRDAGHKCPVDNEILLENQLFPDNFAKREILSLM
VKCPNEGCLHKMELRHLEDHQAHCEFA
;
B,D
#
# COMPACT_ATOMS: atom_id res chain seq x y z
N SER A 2 -14.47 -9.01 0.33
CA SER A 2 -15.06 -9.13 1.66
C SER A 2 -15.29 -7.76 2.27
N LEU A 3 -14.75 -7.56 3.47
CA LEU A 3 -14.75 -6.26 4.14
C LEU A 3 -16.16 -5.70 4.27
N ASP A 4 -16.94 -6.39 5.09
CA ASP A 4 -18.27 -5.97 5.49
C ASP A 4 -18.36 -5.96 7.01
N PHE A 5 -19.38 -5.30 7.53
CA PHE A 5 -19.60 -5.27 8.97
C PHE A 5 -21.09 -5.34 9.26
N GLU A 6 -21.41 -5.70 10.51
CA GLU A 6 -22.79 -5.79 10.96
C GLU A 6 -23.18 -4.46 11.58
N PRO A 7 -24.08 -3.69 10.97
CA PRO A 7 -24.32 -2.31 11.44
C PRO A 7 -25.04 -2.22 12.78
N SER A 8 -25.64 -3.31 13.26
CA SER A 8 -26.39 -3.26 14.51
C SER A 8 -25.47 -3.05 15.71
N ILE A 9 -24.22 -3.51 15.62
CA ILE A 9 -23.31 -3.44 16.77
C ILE A 9 -22.81 -2.02 16.96
N GLU A 10 -22.66 -1.62 18.22
CA GLU A 10 -22.01 -0.36 18.56
C GLU A 10 -20.53 -0.64 18.79
N TYR A 11 -19.69 -0.12 17.90
CA TYR A 11 -18.25 -0.30 17.96
C TYR A 11 -17.59 0.86 18.70
N GLN A 12 -16.43 0.56 19.31
CA GLN A 12 -15.61 1.56 20.01
C GLN A 12 -14.37 1.84 19.16
N PHE A 13 -14.35 3.01 18.52
CA PHE A 13 -13.33 3.32 17.52
C PHE A 13 -12.04 3.80 18.19
N VAL A 14 -10.91 3.39 17.60
CA VAL A 14 -9.61 3.79 18.12
C VAL A 14 -9.51 5.31 18.15
N GLU A 15 -9.64 5.95 17.00
CA GLU A 15 -9.77 7.39 16.91
C GLU A 15 -11.24 7.75 16.81
N ARG A 16 -11.59 8.94 17.31
CA ARG A 16 -12.99 9.31 17.37
C ARG A 16 -13.56 9.46 15.96
N LEU A 17 -14.77 8.91 15.78
CA LEU A 17 -15.42 8.85 14.47
C LEU A 17 -15.68 10.23 13.88
N GLU A 18 -14.93 10.61 12.84
CA GLU A 18 -15.16 11.88 12.18
C GLU A 18 -16.55 11.92 11.58
N GLU A 19 -17.23 13.06 11.70
CA GLU A 19 -18.61 13.17 11.26
C GLU A 19 -18.75 12.97 9.75
N ARG A 20 -17.66 13.11 8.98
CA ARG A 20 -17.76 12.88 7.54
C ARG A 20 -18.06 11.43 7.20
N TYR A 21 -17.84 10.51 8.14
CA TYR A 21 -18.13 9.10 7.94
C TYR A 21 -19.46 8.68 8.57
N LYS A 22 -20.22 9.62 9.11
CA LYS A 22 -21.53 9.33 9.68
C LYS A 22 -22.61 9.68 8.67
N CYS A 23 -23.69 8.89 8.69
CA CYS A 23 -24.81 9.09 7.79
C CYS A 23 -25.54 10.39 8.13
N ALA A 24 -26.04 11.05 7.09
CA ALA A 24 -26.73 12.33 7.28
C ALA A 24 -28.16 12.17 7.79
N PHE A 25 -28.66 10.94 7.91
CA PHE A 25 -30.00 10.69 8.41
C PHE A 25 -30.01 9.86 9.68
N CYS A 26 -29.37 8.70 9.68
CA CYS A 26 -29.36 7.84 10.85
C CYS A 26 -28.25 8.18 11.84
N HIS A 27 -27.25 8.95 11.40
CA HIS A 27 -26.13 9.45 12.18
C HIS A 27 -25.17 8.33 12.62
N SER A 28 -25.48 7.07 12.33
CA SER A 28 -24.54 6.00 12.64
C SER A 28 -23.41 5.99 11.60
N VAL A 29 -22.48 5.06 11.76
CA VAL A 29 -21.42 4.92 10.78
C VAL A 29 -22.00 4.36 9.49
N LEU A 30 -21.51 4.87 8.36
CA LEU A 30 -22.10 4.53 7.07
C LEU A 30 -21.96 3.04 6.80
N HIS A 31 -23.06 2.40 6.45
CA HIS A 31 -23.07 1.02 5.98
C HIS A 31 -23.53 1.01 4.53
N ASN A 32 -22.67 0.54 3.63
CA ASN A 32 -22.90 0.62 2.19
C ASN A 32 -23.26 2.06 1.80
N PRO A 33 -22.36 3.01 1.99
CA PRO A 33 -22.72 4.42 1.79
C PRO A 33 -23.06 4.70 0.34
N HIS A 34 -24.06 5.56 0.16
CA HIS A 34 -24.37 6.15 -1.14
C HIS A 34 -24.28 7.65 -1.01
N GLN A 35 -23.71 8.29 -2.03
CA GLN A 35 -23.71 9.73 -2.10
C GLN A 35 -24.80 10.19 -3.06
N THR A 36 -25.38 11.34 -2.75
CA THR A 36 -26.42 11.96 -3.54
C THR A 36 -25.84 13.15 -4.31
N GLY A 37 -26.62 13.67 -5.24
CA GLY A 37 -26.19 14.83 -6.00
C GLY A 37 -25.92 16.05 -5.16
N CYS A 38 -26.48 16.12 -3.96
CA CYS A 38 -26.23 17.25 -3.07
C CYS A 38 -24.89 17.15 -2.36
N GLY A 39 -24.23 16.00 -2.42
CA GLY A 39 -22.95 15.83 -1.76
C GLY A 39 -23.08 15.34 -0.34
N HIS A 40 -24.02 14.43 -0.11
CA HIS A 40 -24.26 13.90 1.22
C HIS A 40 -24.38 12.39 1.17
N ARG A 41 -23.93 11.75 2.24
CA ARG A 41 -23.81 10.30 2.31
C ARG A 41 -24.86 9.71 3.24
N PHE A 42 -25.40 8.56 2.86
CA PHE A 42 -26.39 7.86 3.66
C PHE A 42 -26.12 6.37 3.58
N CYS A 43 -26.52 5.65 4.64
CA CYS A 43 -26.58 4.21 4.53
C CYS A 43 -27.48 3.81 3.37
N GLN A 44 -27.32 2.58 2.89
CA GLN A 44 -28.15 2.15 1.77
C GLN A 44 -29.60 1.98 2.19
N HIS A 45 -29.84 1.39 3.37
CA HIS A 45 -31.19 1.20 3.87
C HIS A 45 -31.84 2.50 4.32
N CYS A 46 -31.05 3.57 4.50
CA CYS A 46 -31.58 4.88 4.86
C CYS A 46 -31.93 5.73 3.65
N ILE A 47 -31.35 5.45 2.48
CA ILE A 47 -31.78 6.12 1.26
C ILE A 47 -33.13 5.60 0.83
N LEU A 48 -33.28 4.27 0.80
CA LEU A 48 -34.58 3.70 0.47
C LEU A 48 -35.62 4.13 1.48
N SER A 49 -35.28 4.10 2.77
CA SER A 49 -36.21 4.56 3.80
C SER A 49 -36.68 5.99 3.52
N LEU A 50 -35.75 6.88 3.16
CA LEU A 50 -36.14 8.22 2.73
C LEU A 50 -37.00 8.18 1.48
N ARG A 51 -36.79 7.20 0.61
CA ARG A 51 -37.52 7.11 -0.65
C ARG A 51 -38.97 6.70 -0.40
N GLU A 52 -39.22 5.87 0.62
CA GLU A 52 -40.58 5.49 0.96
C GLU A 52 -41.41 6.66 1.47
N LEU A 53 -40.79 7.76 1.86
CA LEU A 53 -41.50 8.85 2.53
C LEU A 53 -41.45 10.13 1.71
N ASN A 54 -42.53 10.92 1.89
CA ASN A 54 -42.75 12.25 1.27
C ASN A 54 -42.59 12.17 -0.26
N THR A 55 -42.70 10.96 -0.83
CA THR A 55 -42.53 10.74 -2.29
C THR A 55 -41.13 11.23 -2.70
N VAL A 56 -40.95 12.54 -2.83
CA VAL A 56 -39.64 13.10 -3.15
C VAL A 56 -38.70 12.92 -1.97
N PRO A 57 -37.75 11.99 -2.00
CA PRO A 57 -36.88 11.90 -0.82
C PRO A 57 -35.97 13.12 -0.79
N ILE A 58 -36.27 14.09 0.06
CA ILE A 58 -35.44 15.28 0.18
C ILE A 58 -34.28 14.97 1.13
N CYS A 59 -33.18 15.67 0.93
CA CYS A 59 -31.99 15.50 1.76
C CYS A 59 -32.20 16.14 3.12
N PRO A 60 -31.91 15.44 4.22
CA PRO A 60 -32.15 16.03 5.56
C PRO A 60 -31.34 17.29 5.83
N VAL A 61 -30.30 17.57 5.06
CA VAL A 61 -29.43 18.71 5.37
C VAL A 61 -29.74 19.89 4.44
N ASP A 62 -29.59 19.70 3.12
CA ASP A 62 -29.91 20.78 2.20
C ASP A 62 -31.39 21.02 2.09
N LYS A 63 -32.20 20.00 2.37
CA LYS A 63 -33.58 19.89 1.92
C LYS A 63 -33.68 19.88 0.39
N GLU A 64 -32.56 19.69 -0.30
CA GLU A 64 -32.55 19.57 -1.75
C GLU A 64 -33.18 18.25 -2.16
N VAL A 65 -33.99 18.28 -3.22
CA VAL A 65 -34.70 17.07 -3.65
C VAL A 65 -33.69 16.10 -4.26
N ILE A 66 -33.75 14.85 -3.83
CA ILE A 66 -32.77 13.85 -4.23
C ILE A 66 -33.23 13.27 -5.57
N LYS A 67 -32.53 13.63 -6.64
CA LYS A 67 -32.83 13.13 -7.98
C LYS A 67 -32.12 11.79 -8.15
N SER A 68 -32.90 10.71 -8.22
CA SER A 68 -32.35 9.36 -8.16
C SER A 68 -31.37 9.06 -9.28
N GLN A 69 -31.40 9.82 -10.37
CA GLN A 69 -30.40 9.64 -11.41
C GLN A 69 -29.00 10.05 -10.94
N GLU A 70 -28.91 10.91 -9.93
CA GLU A 70 -27.63 11.45 -9.48
C GLU A 70 -27.14 10.79 -8.19
N VAL A 71 -27.82 9.76 -7.73
CA VAL A 71 -27.40 8.99 -6.55
C VAL A 71 -26.45 7.89 -7.01
N PHE A 72 -25.36 7.69 -6.26
CA PHE A 72 -24.43 6.62 -6.62
C PHE A 72 -23.83 6.00 -5.36
N LYS A 73 -23.35 4.77 -5.52
CA LYS A 73 -22.67 4.08 -4.43
C LYS A 73 -21.33 4.73 -4.15
N ASP A 74 -21.10 5.12 -2.90
CA ASP A 74 -19.82 5.71 -2.51
C ASP A 74 -18.86 4.60 -2.09
N ASN A 75 -18.38 3.88 -3.11
CA ASN A 75 -17.51 2.73 -2.88
C ASN A 75 -16.15 3.15 -2.34
N CYS A 76 -15.72 4.39 -2.62
CA CYS A 76 -14.48 4.91 -2.05
C CYS A 76 -14.66 5.25 -0.59
N CYS A 77 -15.74 5.97 -0.27
CA CYS A 77 -16.06 6.20 1.14
C CYS A 77 -16.34 4.89 1.85
N LYS A 78 -16.91 3.91 1.15
CA LYS A 78 -17.13 2.60 1.76
C LYS A 78 -15.81 1.98 2.20
N ARG A 79 -14.75 2.18 1.43
CA ARG A 79 -13.46 1.58 1.77
C ARG A 79 -12.79 2.31 2.93
N GLU A 80 -12.87 3.65 2.94
CA GLU A 80 -12.28 4.40 4.04
C GLU A 80 -12.92 4.04 5.37
N VAL A 81 -14.24 3.79 5.36
CA VAL A 81 -14.93 3.41 6.58
C VAL A 81 -14.48 2.02 7.05
N LEU A 82 -14.53 1.04 6.15
CA LEU A 82 -14.17 -0.32 6.53
C LEU A 82 -12.70 -0.46 6.92
N ASN A 83 -11.88 0.56 6.67
CA ASN A 83 -10.49 0.58 7.11
C ASN A 83 -10.30 1.31 8.42
N LEU A 84 -11.38 1.76 9.06
CA LEU A 84 -11.28 2.39 10.36
C LEU A 84 -11.00 1.34 11.44
N TYR A 85 -10.15 1.71 12.40
CA TYR A 85 -9.74 0.78 13.45
C TYR A 85 -10.66 0.88 14.66
N VAL A 86 -11.04 -0.27 15.20
CA VAL A 86 -11.89 -0.35 16.38
C VAL A 86 -11.25 -1.28 17.40
N TYR A 87 -11.56 -1.07 18.66
CA TYR A 87 -11.07 -1.96 19.71
C TYR A 87 -11.89 -3.25 19.72
N CYS A 88 -11.27 -4.31 20.24
CA CYS A 88 -11.89 -5.62 20.20
C CYS A 88 -13.00 -5.74 21.24
N SER A 89 -13.95 -6.64 20.96
CA SER A 89 -15.10 -6.83 21.83
C SER A 89 -14.74 -7.45 23.17
N ASN A 90 -13.57 -8.06 23.28
CA ASN A 90 -13.13 -8.71 24.52
C ASN A 90 -12.50 -7.71 25.48
N ALA A 91 -13.27 -6.68 25.85
CA ALA A 91 -12.75 -5.32 25.97
C ALA A 91 -11.36 -5.22 26.59
N PRO A 92 -11.13 -5.60 27.88
CA PRO A 92 -9.79 -5.34 28.45
C PRO A 92 -8.74 -6.38 28.06
N GLY A 93 -9.14 -7.65 28.02
CA GLY A 93 -8.21 -8.73 27.77
C GLY A 93 -7.46 -8.58 26.46
N CYS A 94 -8.20 -8.51 25.36
CA CYS A 94 -7.59 -8.43 24.04
C CYS A 94 -7.13 -7.01 23.75
N ASN A 95 -5.89 -6.87 23.29
CA ASN A 95 -5.31 -5.58 22.96
C ASN A 95 -5.35 -5.28 21.47
N ALA A 96 -6.10 -6.05 20.69
CA ALA A 96 -6.05 -5.95 19.24
C ALA A 96 -6.83 -4.74 18.74
N LYS A 97 -6.20 -3.96 17.87
CA LYS A 97 -6.85 -2.89 17.11
C LYS A 97 -7.09 -3.43 15.70
N VAL A 98 -8.32 -3.82 15.42
CA VAL A 98 -8.67 -4.43 14.14
C VAL A 98 -9.39 -3.39 13.28
N ILE A 99 -9.40 -3.63 11.98
CA ILE A 99 -10.19 -2.79 11.08
C ILE A 99 -11.63 -3.27 11.09
N LEU A 100 -12.55 -2.34 10.84
CA LEU A 100 -13.98 -2.66 10.96
C LEU A 100 -14.42 -3.68 9.93
N GLY A 101 -13.81 -3.67 8.74
CA GLY A 101 -14.21 -4.60 7.70
C GLY A 101 -13.88 -6.05 8.00
N ARG A 102 -12.95 -6.30 8.92
CA ARG A 102 -12.60 -7.65 9.32
C ARG A 102 -12.79 -7.84 10.83
N TYR A 103 -13.66 -7.05 11.45
CA TYR A 103 -13.96 -7.20 12.87
C TYR A 103 -14.52 -8.60 13.16
N GLN A 104 -15.48 -9.05 12.35
CA GLN A 104 -16.09 -10.35 12.59
C GLN A 104 -15.11 -11.49 12.36
N ASP A 105 -14.11 -11.29 11.49
CA ASP A 105 -13.12 -12.33 11.26
C ASP A 105 -12.11 -12.41 12.40
N HIS A 106 -11.90 -11.32 13.13
CA HIS A 106 -10.97 -11.35 14.26
C HIS A 106 -11.54 -12.18 15.41
N LEU A 107 -12.83 -11.96 15.73
CA LEU A 107 -13.44 -12.70 16.83
C LEU A 107 -13.42 -14.20 16.58
N GLN A 108 -13.47 -14.61 15.31
CA GLN A 108 -13.40 -16.03 14.98
C GLN A 108 -12.06 -16.65 15.34
N GLN A 109 -11.04 -15.83 15.60
CA GLN A 109 -9.73 -16.32 16.01
C GLN A 109 -9.23 -15.70 17.31
N CYS A 110 -9.95 -14.73 17.86
CA CYS A 110 -9.44 -13.98 19.00
C CYS A 110 -9.40 -14.84 20.25
N LEU A 111 -8.26 -14.81 20.95
CA LEU A 111 -8.02 -15.71 22.07
C LEU A 111 -9.10 -15.59 23.14
N PHE A 112 -9.56 -14.36 23.42
CA PHE A 112 -10.29 -14.08 24.64
C PHE A 112 -11.79 -14.04 24.43
N GLN A 113 -12.28 -14.40 23.25
CA GLN A 113 -13.72 -14.49 23.09
C GLN A 113 -14.21 -15.86 23.53
N PRO A 114 -15.22 -15.92 24.39
CA PRO A 114 -15.62 -17.20 25.00
C PRO A 114 -16.02 -18.24 23.97
N VAL A 115 -15.28 -19.35 23.96
CA VAL A 115 -15.63 -20.51 23.15
C VAL A 115 -16.25 -21.53 24.09
N GLN A 116 -17.56 -21.73 23.96
CA GLN A 116 -18.21 -22.79 24.73
C GLN A 116 -17.66 -24.14 24.29
N CYS A 117 -17.64 -25.09 25.22
CA CYS A 117 -16.71 -26.20 25.16
C CYS A 117 -17.09 -27.24 24.12
N SER A 118 -16.07 -27.86 23.54
CA SER A 118 -16.23 -28.98 22.63
C SER A 118 -16.53 -30.25 23.44
N ASN A 119 -17.72 -30.27 24.02
CA ASN A 119 -18.13 -31.38 24.86
C ASN A 119 -19.59 -31.70 24.61
N GLU A 120 -19.98 -32.86 25.14
CA GLU A 120 -21.39 -33.17 25.33
C GLU A 120 -22.13 -31.99 25.95
N LYS A 121 -21.77 -31.64 27.18
CA LYS A 121 -22.53 -30.70 27.99
C LYS A 121 -21.76 -29.45 28.38
N CYS A 122 -20.77 -29.58 29.27
CA CYS A 122 -19.81 -28.55 29.66
C CYS A 122 -20.33 -27.13 29.68
N ARG A 123 -21.27 -26.82 30.58
CA ARG A 123 -21.74 -25.43 30.70
C ARG A 123 -20.67 -24.57 31.36
N GLU A 124 -19.43 -25.07 31.36
CA GLU A 124 -18.29 -24.29 31.80
C GLU A 124 -18.08 -23.08 30.88
N PRO A 125 -17.80 -21.90 31.46
CA PRO A 125 -17.43 -20.73 30.65
C PRO A 125 -15.94 -20.75 30.34
N VAL A 126 -15.61 -20.81 29.06
CA VAL A 126 -14.23 -21.00 28.62
C VAL A 126 -13.86 -19.93 27.61
N LEU A 127 -12.57 -19.57 27.62
CA LEU A 127 -11.98 -18.73 26.59
C LEU A 127 -11.31 -19.60 25.53
N ARG A 128 -11.12 -19.01 24.34
CA ARG A 128 -10.47 -19.75 23.26
C ARG A 128 -9.06 -20.16 23.64
N LYS A 129 -8.35 -19.26 24.32
CA LYS A 129 -6.97 -19.55 24.73
C LYS A 129 -6.90 -20.81 25.59
N ASP A 130 -7.91 -21.01 26.45
CA ASP A 130 -7.84 -22.01 27.50
C ASP A 130 -8.68 -23.25 27.25
N LEU A 131 -9.34 -23.36 26.09
CA LEU A 131 -10.18 -24.55 25.90
C LEU A 131 -9.35 -25.79 25.62
N LYS A 132 -8.26 -25.65 24.86
CA LYS A 132 -7.29 -26.74 24.81
C LYS A 132 -6.76 -27.04 26.21
N GLU A 133 -6.77 -26.04 27.08
CA GLU A 133 -6.42 -26.20 28.49
C GLU A 133 -7.61 -26.61 29.34
N HIS A 134 -8.76 -26.91 28.74
CA HIS A 134 -9.80 -27.64 29.46
C HIS A 134 -9.89 -29.08 29.01
N LEU A 135 -9.75 -29.34 27.72
CA LEU A 135 -9.34 -30.66 27.29
C LEU A 135 -8.07 -31.12 28.01
N SER A 136 -7.31 -30.20 28.60
CA SER A 136 -6.05 -30.53 29.28
C SER A 136 -6.14 -31.40 30.50
N ALA A 137 -6.60 -30.82 31.61
CA ALA A 137 -7.03 -31.56 32.79
C ALA A 137 -8.21 -30.92 33.47
N SER A 138 -8.54 -29.68 33.12
CA SER A 138 -9.47 -28.88 33.91
C SER A 138 -10.94 -29.18 33.58
N CYS A 139 -11.24 -29.55 32.33
CA CYS A 139 -12.57 -30.05 32.06
C CYS A 139 -12.71 -31.47 32.61
N GLN A 140 -13.96 -31.94 32.68
CA GLN A 140 -14.28 -33.17 33.38
C GLN A 140 -14.08 -34.41 32.51
N PHE A 141 -13.26 -34.31 31.46
CA PHE A 141 -12.92 -35.46 30.62
C PHE A 141 -11.41 -35.42 30.39
N ARG A 142 -10.69 -36.07 31.29
CA ARG A 142 -9.24 -36.16 31.25
C ARG A 142 -8.61 -34.77 31.34
N GLU B 1 -2.74 21.80 -20.25
CA GLU B 1 -4.08 21.31 -19.97
C GLU B 1 -4.46 21.67 -18.54
N ILE B 2 -5.56 21.10 -18.07
CA ILE B 2 -6.10 21.39 -16.74
C ILE B 2 -5.93 20.14 -15.90
N GLN B 3 -5.19 20.25 -14.79
CA GLN B 3 -4.86 19.09 -13.98
C GLN B 3 -5.43 19.15 -12.57
N GLY B 4 -5.10 20.15 -11.77
CA GLY B 4 -5.50 20.14 -10.39
C GLY B 4 -5.18 21.47 -9.72
N TYR B 5 -5.27 21.48 -8.40
CA TYR B 5 -5.00 22.70 -7.62
C TYR B 5 -3.54 22.75 -7.20
N ASP B 6 -2.86 23.83 -7.56
CA ASP B 6 -1.44 24.07 -7.25
C ASP B 6 -1.33 25.26 -6.31
N VAL B 7 -1.62 25.05 -5.02
CA VAL B 7 -1.77 26.19 -4.11
C VAL B 7 -1.16 26.05 -2.72
N GLU B 8 -0.67 24.85 -2.34
CA GLU B 8 -0.06 24.66 -1.02
C GLU B 8 -1.02 24.80 0.17
N PHE B 9 -1.82 23.76 0.42
CA PHE B 9 -2.83 23.76 1.48
C PHE B 9 -2.24 23.98 2.88
N ASP B 10 -2.99 24.75 3.70
CA ASP B 10 -2.50 25.23 5.00
C ASP B 10 -2.07 24.11 5.93
N PRO B 11 -2.88 23.09 6.22
CA PRO B 11 -2.32 21.80 6.60
C PRO B 11 -2.16 20.95 5.36
N PRO B 12 -1.33 19.90 5.40
CA PRO B 12 -1.13 19.09 4.19
C PRO B 12 -2.44 18.49 3.71
N LEU B 13 -2.62 18.46 2.40
CA LEU B 13 -3.74 17.77 1.80
C LEU B 13 -3.63 16.28 2.10
N GLU B 14 -4.75 15.68 2.54
CA GLU B 14 -4.76 14.25 2.81
C GLU B 14 -4.74 13.46 1.51
N SER B 15 -4.19 12.24 1.58
CA SER B 15 -4.06 11.40 0.40
C SER B 15 -5.40 11.21 -0.30
N LYS B 16 -6.46 10.95 0.48
CA LYS B 16 -7.78 10.65 -0.07
C LYS B 16 -8.33 11.75 -0.97
N TYR B 17 -7.74 12.94 -0.97
CA TYR B 17 -8.18 14.03 -1.82
C TYR B 17 -7.12 14.43 -2.85
N GLU B 18 -6.21 13.52 -3.18
CA GLU B 18 -5.16 13.75 -4.15
C GLU B 18 -5.45 12.94 -5.40
N CYS B 19 -5.35 13.58 -6.56
CA CYS B 19 -5.63 12.90 -7.82
C CYS B 19 -4.48 11.98 -8.18
N PRO B 20 -4.71 10.68 -8.39
CA PRO B 20 -3.63 9.77 -8.76
C PRO B 20 -3.02 10.06 -10.12
N ILE B 21 -3.66 10.88 -10.96
CA ILE B 21 -3.10 11.17 -12.28
C ILE B 21 -2.16 12.36 -12.18
N CYS B 22 -2.69 13.53 -11.84
CA CYS B 22 -1.90 14.76 -11.84
C CYS B 22 -1.22 15.02 -10.51
N LEU B 23 -1.44 14.18 -9.50
CA LEU B 23 -0.80 14.30 -8.20
C LEU B 23 -1.10 15.66 -7.56
N MET B 24 -2.35 16.10 -7.65
CA MET B 24 -2.78 17.36 -7.09
C MET B 24 -4.20 17.23 -6.57
N ALA B 25 -4.63 18.23 -5.81
CA ALA B 25 -5.96 18.20 -5.21
C ALA B 25 -7.03 18.19 -6.31
N LEU B 26 -8.02 17.32 -6.13
CA LEU B 26 -8.98 17.05 -7.20
C LEU B 26 -9.72 18.31 -7.60
N ARG B 27 -9.81 18.54 -8.92
CA ARG B 27 -10.54 19.66 -9.48
C ARG B 27 -11.80 19.13 -10.14
N GLU B 28 -12.96 19.57 -9.65
CA GLU B 28 -14.25 18.99 -10.04
C GLU B 28 -14.18 17.46 -9.97
N ALA B 29 -14.00 16.98 -8.74
CA ALA B 29 -13.71 15.58 -8.50
C ALA B 29 -14.85 14.68 -8.96
N VAL B 30 -14.48 13.51 -9.47
CA VAL B 30 -15.41 12.45 -9.87
C VAL B 30 -14.92 11.14 -9.28
N GLN B 31 -15.85 10.21 -9.07
CA GLN B 31 -15.55 8.92 -8.48
C GLN B 31 -15.93 7.80 -9.45
N THR B 32 -15.16 6.71 -9.41
CA THR B 32 -15.38 5.57 -10.28
C THR B 32 -16.14 4.47 -9.55
N PRO B 33 -16.77 3.55 -10.29
CA PRO B 33 -17.44 2.42 -9.62
C PRO B 33 -16.53 1.56 -8.77
N CYS B 34 -15.22 1.51 -9.05
CA CYS B 34 -14.31 0.77 -8.20
C CYS B 34 -13.87 1.58 -6.98
N GLY B 35 -14.23 2.86 -6.90
CA GLY B 35 -14.00 3.62 -5.70
C GLY B 35 -12.67 4.36 -5.68
N HIS B 36 -12.39 5.13 -6.74
CA HIS B 36 -11.19 5.94 -6.80
C HIS B 36 -11.57 7.30 -7.36
N ARG B 37 -10.98 8.35 -6.80
CA ARG B 37 -11.31 9.71 -7.17
C ARG B 37 -10.24 10.27 -8.12
N PHE B 38 -10.69 11.03 -9.12
CA PHE B 38 -9.81 11.72 -10.05
C PHE B 38 -10.38 13.11 -10.29
N CYS B 39 -9.59 13.95 -10.95
CA CYS B 39 -10.16 15.16 -11.53
C CYS B 39 -10.97 14.78 -12.76
N LYS B 40 -12.02 15.57 -13.03
CA LYS B 40 -12.84 15.28 -14.21
C LYS B 40 -12.02 15.37 -15.49
N ALA B 41 -11.17 16.40 -15.60
CA ALA B 41 -10.37 16.56 -16.81
C ALA B 41 -9.32 15.44 -16.93
N CYS B 42 -8.64 15.12 -15.83
CA CYS B 42 -7.55 14.14 -15.89
C CYS B 42 -8.06 12.77 -16.33
N ILE B 43 -9.18 12.33 -15.76
CA ILE B 43 -9.60 10.95 -15.98
C ILE B 43 -10.17 10.78 -17.38
N ILE B 44 -10.90 11.76 -17.90
CA ILE B 44 -11.46 11.58 -19.23
C ILE B 44 -10.35 11.67 -20.29
N LYS B 45 -9.29 12.43 -20.03
CA LYS B 45 -8.14 12.41 -20.93
C LYS B 45 -7.50 11.02 -20.96
N SER B 46 -7.37 10.38 -19.80
CA SER B 46 -6.82 9.04 -19.75
C SER B 46 -7.75 8.04 -20.43
N ILE B 47 -9.05 8.19 -20.24
CA ILE B 47 -10.01 7.34 -20.95
C ILE B 47 -9.79 7.47 -22.46
N ARG B 48 -9.52 8.69 -22.92
CA ARG B 48 -9.32 8.94 -24.34
C ARG B 48 -7.97 8.45 -24.84
N ASP B 49 -6.93 8.48 -24.00
CA ASP B 49 -5.58 8.13 -24.39
C ASP B 49 -5.19 6.71 -24.00
N ALA B 50 -5.56 6.27 -22.80
CA ALA B 50 -5.18 4.94 -22.33
C ALA B 50 -6.24 3.88 -22.59
N GLY B 51 -7.51 4.27 -22.59
CA GLY B 51 -8.61 3.36 -22.84
C GLY B 51 -9.59 3.32 -21.70
N HIS B 52 -10.49 2.34 -21.76
CA HIS B 52 -11.60 2.22 -20.82
C HIS B 52 -11.16 1.40 -19.62
N LYS B 53 -10.38 2.03 -18.75
CA LYS B 53 -9.88 1.37 -17.55
C LYS B 53 -9.64 2.40 -16.46
N CYS B 54 -9.69 1.93 -15.21
CA CYS B 54 -9.29 2.76 -14.08
C CYS B 54 -7.79 2.61 -13.86
N PRO B 55 -7.02 3.68 -14.01
CA PRO B 55 -5.55 3.54 -14.00
C PRO B 55 -4.99 3.01 -12.68
N VAL B 56 -5.77 3.04 -11.60
CA VAL B 56 -5.26 2.56 -10.32
C VAL B 56 -5.43 1.05 -10.17
N ASP B 57 -6.47 0.45 -10.78
CA ASP B 57 -6.72 -0.98 -10.62
C ASP B 57 -7.08 -1.68 -11.92
N ASN B 58 -6.99 -1.01 -13.06
CA ASN B 58 -7.28 -1.59 -14.38
C ASN B 58 -8.67 -2.19 -14.46
N GLU B 59 -9.58 -1.78 -13.58
CA GLU B 59 -10.97 -2.19 -13.70
C GLU B 59 -11.64 -1.46 -14.86
N ILE B 60 -12.62 -2.13 -15.47
CA ILE B 60 -13.33 -1.53 -16.60
C ILE B 60 -13.96 -0.21 -16.16
N LEU B 61 -13.97 0.76 -17.06
CA LEU B 61 -14.45 2.10 -16.70
C LEU B 61 -14.80 2.86 -17.96
N LEU B 62 -16.04 3.35 -18.04
CA LEU B 62 -16.51 4.17 -19.15
C LEU B 62 -16.89 5.55 -18.64
N GLU B 63 -16.81 6.54 -19.53
CA GLU B 63 -16.96 7.94 -19.14
C GLU B 63 -18.29 8.20 -18.45
N ASN B 64 -19.36 7.56 -18.91
CA ASN B 64 -20.68 7.79 -18.32
C ASN B 64 -20.79 7.24 -16.90
N GLN B 65 -19.96 6.26 -16.54
CA GLN B 65 -20.04 5.67 -15.20
C GLN B 65 -19.53 6.61 -14.11
N LEU B 66 -18.83 7.68 -14.50
CA LEU B 66 -18.29 8.61 -13.52
C LEU B 66 -19.41 9.44 -12.91
N PHE B 67 -19.45 9.46 -11.60
CA PHE B 67 -20.34 10.36 -10.89
C PHE B 67 -19.55 11.48 -10.26
N PRO B 68 -20.07 12.70 -10.23
CA PRO B 68 -19.35 13.77 -9.52
C PRO B 68 -19.35 13.52 -8.03
N ASP B 69 -18.19 13.74 -7.41
CA ASP B 69 -18.03 13.53 -5.97
C ASP B 69 -18.12 14.90 -5.30
N ASN B 70 -19.35 15.31 -5.04
CA ASN B 70 -19.57 16.64 -4.48
C ASN B 70 -19.34 16.70 -2.97
N PHE B 71 -19.15 15.55 -2.31
CA PHE B 71 -18.75 15.57 -0.91
C PHE B 71 -17.27 15.94 -0.78
N ALA B 72 -16.41 15.33 -1.59
CA ALA B 72 -15.01 15.70 -1.59
C ALA B 72 -14.80 17.09 -2.17
N LYS B 73 -15.52 17.43 -3.24
CA LYS B 73 -15.39 18.76 -3.84
C LYS B 73 -15.67 19.85 -2.81
N ARG B 74 -16.63 19.61 -1.91
CA ARG B 74 -16.90 20.59 -0.86
C ARG B 74 -15.77 20.63 0.15
N GLU B 75 -15.36 19.46 0.67
CA GLU B 75 -14.29 19.43 1.66
C GLU B 75 -13.01 20.04 1.12
N ILE B 76 -12.68 19.74 -0.15
CA ILE B 76 -11.47 20.28 -0.75
C ILE B 76 -11.54 21.80 -0.80
N LEU B 77 -12.63 22.34 -1.35
CA LEU B 77 -12.79 23.79 -1.41
C LEU B 77 -12.83 24.41 -0.02
N SER B 78 -13.23 23.64 0.99
CA SER B 78 -13.18 24.13 2.36
C SER B 78 -11.78 24.08 2.94
N LEU B 79 -10.88 23.28 2.36
CA LEU B 79 -9.51 23.22 2.84
C LEU B 79 -8.84 24.59 2.71
N MET B 80 -8.01 24.92 3.68
CA MET B 80 -7.37 26.22 3.72
C MET B 80 -6.03 26.17 3.01
N VAL B 81 -5.75 27.21 2.22
CA VAL B 81 -4.58 27.28 1.38
C VAL B 81 -3.88 28.62 1.62
N LYS B 82 -2.65 28.70 1.15
CA LYS B 82 -1.89 29.95 1.16
C LYS B 82 -1.93 30.56 -0.23
N CYS B 83 -1.98 31.89 -0.28
CA CYS B 83 -1.91 32.60 -1.55
C CYS B 83 -0.47 32.59 -2.03
N PRO B 84 -0.17 32.06 -3.22
CA PRO B 84 1.23 31.79 -3.59
C PRO B 84 2.06 33.04 -3.86
N ASN B 85 1.47 34.23 -3.81
CA ASN B 85 2.18 35.45 -4.16
C ASN B 85 3.37 35.68 -3.23
N GLU B 86 4.41 36.32 -3.78
CA GLU B 86 5.64 36.56 -3.05
C GLU B 86 5.40 37.55 -1.91
N GLY B 87 5.63 37.11 -0.68
CA GLY B 87 5.55 37.98 0.48
C GLY B 87 4.19 38.07 1.14
N CYS B 88 3.16 37.43 0.58
CA CYS B 88 1.84 37.47 1.17
C CYS B 88 1.64 36.26 2.07
N LEU B 89 1.17 36.51 3.29
CA LEU B 89 0.96 35.46 4.28
C LEU B 89 -0.53 35.19 4.51
N HIS B 90 -1.34 35.44 3.49
CA HIS B 90 -2.79 35.27 3.63
C HIS B 90 -3.17 33.81 3.42
N LYS B 91 -3.76 33.21 4.45
CA LYS B 91 -4.38 31.90 4.34
C LYS B 91 -5.88 32.09 4.24
N MET B 92 -6.50 31.41 3.27
CA MET B 92 -7.93 31.42 3.12
C MET B 92 -8.40 30.03 2.70
N GLU B 93 -9.71 29.82 2.79
CA GLU B 93 -10.28 28.60 2.22
C GLU B 93 -10.12 28.62 0.71
N LEU B 94 -9.91 27.43 0.15
CA LEU B 94 -9.57 27.32 -1.26
C LEU B 94 -10.61 27.97 -2.17
N ARG B 95 -11.88 27.93 -1.77
CA ARG B 95 -12.92 28.53 -2.61
C ARG B 95 -12.80 30.05 -2.69
N HIS B 96 -12.18 30.69 -1.70
CA HIS B 96 -12.01 32.14 -1.68
C HIS B 96 -10.68 32.59 -2.25
N LEU B 97 -9.86 31.67 -2.78
CA LEU B 97 -8.51 32.01 -3.19
C LEU B 97 -8.52 33.03 -4.32
N GLU B 98 -9.36 32.85 -5.33
CA GLU B 98 -9.38 33.86 -6.39
C GLU B 98 -10.06 35.14 -5.93
N ASP B 99 -10.92 35.07 -4.91
CA ASP B 99 -11.48 36.29 -4.33
C ASP B 99 -10.37 37.14 -3.71
N HIS B 100 -9.41 36.50 -3.06
CA HIS B 100 -8.32 37.25 -2.44
C HIS B 100 -7.32 37.74 -3.47
N GLN B 101 -6.94 36.89 -4.43
CA GLN B 101 -5.93 37.27 -5.41
C GLN B 101 -6.37 38.46 -6.25
N ALA B 102 -7.69 38.63 -6.44
CA ALA B 102 -8.17 39.73 -7.26
C ALA B 102 -7.75 41.08 -6.72
N HIS B 103 -7.63 41.20 -5.40
CA HIS B 103 -7.18 42.43 -4.77
C HIS B 103 -6.08 42.14 -3.77
N CYS B 104 -5.21 41.18 -4.08
CA CYS B 104 -4.06 40.91 -3.24
C CYS B 104 -2.99 41.96 -3.45
N GLU B 105 -2.29 42.30 -2.37
CA GLU B 105 -1.35 43.42 -2.41
C GLU B 105 -0.13 43.07 -3.27
N PHE B 106 0.44 41.90 -3.07
CA PHE B 106 1.67 41.50 -3.75
C PHE B 106 1.32 40.72 -5.02
N ALA B 107 1.46 41.38 -6.17
CA ALA B 107 1.18 40.73 -7.44
C ALA B 107 1.94 41.40 -8.58
N ILE C 1 9.42 9.40 -1.42
CA ILE C 1 10.75 8.91 -1.77
C ILE C 1 11.13 9.32 -3.19
N SER C 2 10.30 8.91 -4.16
CA SER C 2 10.62 8.97 -5.60
C SER C 2 11.88 8.17 -5.92
N LEU C 3 11.77 6.86 -5.71
CA LEU C 3 12.81 5.90 -6.06
C LEU C 3 12.41 5.16 -7.33
N ASP C 4 13.24 5.28 -8.37
CA ASP C 4 13.08 4.53 -9.61
C ASP C 4 14.34 4.70 -10.44
N PHE C 5 14.57 3.75 -11.35
CA PHE C 5 15.75 3.80 -12.21
C PHE C 5 15.39 3.36 -13.62
N GLU C 6 16.25 3.76 -14.56
CA GLU C 6 16.10 3.39 -15.96
C GLU C 6 16.86 2.10 -16.22
N PRO C 7 16.19 1.00 -16.57
CA PRO C 7 16.90 -0.29 -16.70
C PRO C 7 17.71 -0.44 -17.98
N SER C 8 17.53 0.45 -18.97
CA SER C 8 18.29 0.31 -20.21
C SER C 8 19.74 0.73 -20.03
N ILE C 9 20.01 1.66 -19.10
CA ILE C 9 21.36 2.14 -18.86
C ILE C 9 22.23 1.00 -18.32
N GLU C 10 23.50 0.97 -18.75
CA GLU C 10 24.46 -0.05 -18.26
C GLU C 10 25.04 0.44 -16.93
N TYR C 11 24.19 0.58 -15.91
CA TYR C 11 24.60 1.08 -14.58
C TYR C 11 25.75 0.23 -14.00
N GLN C 12 26.71 0.91 -13.35
CA GLN C 12 27.87 0.23 -12.72
C GLN C 12 27.56 0.04 -11.22
N PHE C 13 28.24 -0.91 -10.57
CA PHE C 13 28.00 -1.17 -9.16
C PHE C 13 29.32 -1.24 -8.39
N VAL C 14 29.35 -0.57 -7.22
CA VAL C 14 30.55 -0.56 -6.41
C VAL C 14 30.87 -1.96 -5.88
N GLU C 15 29.84 -2.77 -5.65
CA GLU C 15 30.00 -4.18 -5.31
C GLU C 15 29.55 -5.01 -6.50
N ARG C 16 30.12 -6.21 -6.62
CA ARG C 16 29.68 -7.12 -7.65
C ARG C 16 28.20 -7.43 -7.47
N LEU C 17 27.42 -7.19 -8.53
CA LEU C 17 25.98 -7.38 -8.45
C LEU C 17 25.66 -8.86 -8.23
N GLU C 18 25.01 -9.17 -7.12
CA GLU C 18 24.69 -10.55 -6.79
C GLU C 18 23.73 -11.14 -7.82
N GLU C 19 23.81 -12.46 -7.99
CA GLU C 19 22.88 -13.15 -8.89
C GLU C 19 21.44 -13.01 -8.42
N ARG C 20 21.23 -12.89 -7.10
CA ARG C 20 19.88 -12.82 -6.55
C ARG C 20 19.14 -11.54 -6.95
N TYR C 21 19.79 -10.61 -7.63
CA TYR C 21 19.17 -9.37 -8.07
C TYR C 21 19.08 -9.28 -9.60
N LYS C 22 19.41 -10.35 -10.31
CA LYS C 22 19.29 -10.40 -11.76
C LYS C 22 18.00 -11.13 -12.14
N CYS C 23 17.27 -10.57 -13.10
CA CYS C 23 16.02 -11.18 -13.52
C CYS C 23 16.27 -12.51 -14.21
N ALA C 24 15.56 -13.56 -13.77
CA ALA C 24 15.80 -14.93 -14.21
C ALA C 24 15.50 -15.15 -15.69
N PHE C 25 15.03 -14.12 -16.39
CA PHE C 25 14.82 -14.13 -17.83
C PHE C 25 15.57 -13.00 -18.52
N CYS C 26 15.58 -11.81 -17.92
CA CYS C 26 16.30 -10.67 -18.48
C CYS C 26 17.79 -10.71 -18.20
N HIS C 27 18.19 -11.33 -17.09
CA HIS C 27 19.59 -11.45 -16.68
C HIS C 27 20.16 -10.09 -16.26
N SER C 28 19.40 -9.02 -16.48
CA SER C 28 19.79 -7.71 -16.02
C SER C 28 19.16 -7.42 -14.65
N VAL C 29 19.62 -6.33 -14.04
CA VAL C 29 19.17 -6.01 -12.69
C VAL C 29 17.67 -5.77 -12.69
N LEU C 30 17.00 -6.27 -11.66
CA LEU C 30 15.54 -6.29 -11.62
C LEU C 30 14.97 -4.89 -11.63
N HIS C 31 13.93 -4.70 -12.45
CA HIS C 31 13.18 -3.45 -12.52
C HIS C 31 11.72 -3.76 -12.24
N ASN C 32 11.17 -3.17 -11.18
CA ASN C 32 9.87 -3.55 -10.63
C ASN C 32 9.78 -5.07 -10.52
N PRO C 33 10.63 -5.70 -9.72
CA PRO C 33 10.64 -7.17 -9.68
C PRO C 33 9.30 -7.74 -9.25
N HIS C 34 8.97 -8.89 -9.83
CA HIS C 34 7.84 -9.72 -9.41
C HIS C 34 8.36 -11.11 -9.08
N GLN C 35 7.92 -11.65 -7.96
CA GLN C 35 8.26 -13.02 -7.60
C GLN C 35 7.07 -13.92 -7.85
N THR C 36 7.35 -15.14 -8.31
CA THR C 36 6.31 -16.10 -8.67
C THR C 36 6.25 -17.22 -7.65
N GLY C 37 5.31 -18.15 -7.87
CA GLY C 37 5.06 -19.24 -6.93
C GLY C 37 6.22 -20.19 -6.76
N CYS C 38 7.09 -20.31 -7.76
CA CYS C 38 8.32 -21.08 -7.64
C CYS C 38 9.45 -20.26 -7.05
N GLY C 39 9.14 -19.09 -6.49
CA GLY C 39 10.13 -18.27 -5.82
C GLY C 39 11.23 -17.76 -6.71
N HIS C 40 10.88 -17.21 -7.87
CA HIS C 40 11.86 -16.65 -8.79
C HIS C 40 11.44 -15.23 -9.14
N ARG C 41 12.41 -14.40 -9.48
CA ARG C 41 12.21 -12.97 -9.64
C ARG C 41 12.37 -12.55 -11.10
N PHE C 42 11.46 -11.72 -11.57
CA PHE C 42 11.47 -11.20 -12.93
C PHE C 42 11.10 -9.73 -12.91
N CYS C 43 11.70 -8.95 -13.79
CA CYS C 43 11.24 -7.58 -13.99
C CYS C 43 9.77 -7.60 -14.39
N GLN C 44 9.08 -6.49 -14.11
CA GLN C 44 7.66 -6.40 -14.41
C GLN C 44 7.39 -6.64 -15.89
N HIS C 45 8.17 -6.00 -16.76
CA HIS C 45 7.99 -6.14 -18.20
C HIS C 45 8.51 -7.46 -18.74
N CYS C 46 9.30 -8.20 -17.97
CA CYS C 46 9.68 -9.55 -18.37
C CYS C 46 8.55 -10.54 -18.11
N ILE C 47 7.94 -10.43 -16.92
CA ILE C 47 6.72 -11.14 -16.58
C ILE C 47 5.71 -11.02 -17.72
N LEU C 48 5.60 -9.82 -18.29
CA LEU C 48 4.65 -9.60 -19.37
C LEU C 48 5.12 -10.26 -20.67
N SER C 49 6.38 -10.04 -21.05
CA SER C 49 6.89 -10.65 -22.26
C SER C 49 6.84 -12.17 -22.17
N LEU C 50 7.11 -12.72 -20.98
CA LEU C 50 7.01 -14.16 -20.79
C LEU C 50 5.59 -14.64 -21.06
N ARG C 51 4.59 -13.84 -20.69
CA ARG C 51 3.21 -14.21 -20.97
C ARG C 51 2.90 -14.12 -22.46
N GLU C 52 3.50 -13.15 -23.16
CA GLU C 52 3.23 -12.96 -24.58
C GLU C 52 3.90 -14.00 -25.47
N LEU C 53 4.98 -14.64 -25.01
CA LEU C 53 5.77 -15.49 -25.89
C LEU C 53 5.21 -16.91 -26.01
N ASN C 54 4.59 -17.43 -24.95
CA ASN C 54 3.99 -18.75 -24.96
C ASN C 54 2.60 -18.67 -24.33
N THR C 55 1.69 -19.51 -24.82
CA THR C 55 0.28 -19.37 -24.48
C THR C 55 0.05 -19.48 -22.98
N VAL C 56 0.72 -20.43 -22.33
CA VAL C 56 0.79 -20.48 -20.87
C VAL C 56 2.24 -20.25 -20.48
N PRO C 57 2.55 -19.28 -19.63
CA PRO C 57 3.95 -18.93 -19.36
C PRO C 57 4.70 -20.01 -18.59
N ILE C 58 6.00 -20.09 -18.85
CA ILE C 58 6.88 -21.10 -18.28
C ILE C 58 8.07 -20.41 -17.64
N CYS C 59 8.46 -20.88 -16.45
CA CYS C 59 9.62 -20.31 -15.77
C CYS C 59 10.91 -20.80 -16.42
N PRO C 60 11.81 -19.90 -16.82
CA PRO C 60 12.96 -20.34 -17.63
C PRO C 60 13.92 -21.27 -16.92
N VAL C 61 13.92 -21.34 -15.59
CA VAL C 61 14.92 -22.12 -14.88
C VAL C 61 14.37 -23.46 -14.40
N ASP C 62 13.17 -23.51 -13.82
CA ASP C 62 12.58 -24.78 -13.41
C ASP C 62 11.57 -25.29 -14.42
N LYS C 63 11.27 -24.51 -15.46
CA LYS C 63 10.34 -24.87 -16.54
C LYS C 63 8.94 -25.16 -16.02
N GLU C 64 8.63 -24.79 -14.79
CA GLU C 64 7.28 -24.95 -14.25
C GLU C 64 6.35 -23.89 -14.82
N VAL C 65 5.06 -24.15 -14.71
CA VAL C 65 4.05 -23.23 -15.22
C VAL C 65 3.88 -22.08 -14.24
N ILE C 66 3.84 -20.86 -14.78
CA ILE C 66 3.75 -19.65 -13.95
C ILE C 66 2.26 -19.39 -13.70
N LYS C 67 1.79 -19.81 -12.53
CA LYS C 67 0.39 -19.60 -12.16
C LYS C 67 0.14 -18.13 -11.86
N SER C 68 -0.88 -17.56 -12.50
CA SER C 68 -1.13 -16.13 -12.40
C SER C 68 -1.40 -15.71 -10.96
N GLN C 69 -2.04 -16.58 -10.18
CA GLN C 69 -2.48 -16.22 -8.83
C GLN C 69 -1.32 -16.13 -7.86
N GLU C 70 -0.24 -16.85 -8.11
CA GLU C 70 0.88 -16.91 -7.18
C GLU C 70 1.94 -15.85 -7.45
N VAL C 71 1.82 -15.09 -8.54
CA VAL C 71 2.77 -14.05 -8.87
C VAL C 71 2.42 -12.80 -8.08
N PHE C 72 3.42 -12.19 -7.45
CA PHE C 72 3.17 -11.02 -6.62
C PHE C 72 4.37 -10.07 -6.71
N LYS C 73 4.11 -8.81 -6.40
CA LYS C 73 5.16 -7.80 -6.38
C LYS C 73 6.14 -8.08 -5.25
N ASP C 74 7.43 -8.15 -5.59
CA ASP C 74 8.47 -8.35 -4.59
C ASP C 74 8.98 -6.98 -4.15
N ASN C 75 8.17 -6.31 -3.31
CA ASN C 75 8.48 -4.95 -2.89
C ASN C 75 9.64 -4.90 -1.91
N CYS C 76 9.94 -6.00 -1.22
CA CYS C 76 11.12 -6.05 -0.36
C CYS C 76 12.38 -6.23 -1.18
N CYS C 77 12.33 -7.06 -2.23
CA CYS C 77 13.47 -7.19 -3.12
C CYS C 77 13.66 -5.94 -3.95
N LYS C 78 12.56 -5.28 -4.34
CA LYS C 78 12.69 -4.01 -5.06
C LYS C 78 13.40 -2.96 -4.22
N ARG C 79 13.14 -2.95 -2.91
CA ARG C 79 13.79 -1.99 -2.03
C ARG C 79 15.29 -2.27 -1.93
N GLU C 80 15.67 -3.55 -1.86
CA GLU C 80 17.08 -3.90 -1.81
C GLU C 80 17.80 -3.52 -3.10
N VAL C 81 17.10 -3.59 -4.24
CA VAL C 81 17.73 -3.33 -5.53
C VAL C 81 17.98 -1.84 -5.72
N LEU C 82 17.00 -1.00 -5.39
CA LEU C 82 17.17 0.45 -5.56
C LEU C 82 18.13 1.05 -4.54
N ASN C 83 18.53 0.30 -3.53
CA ASN C 83 19.44 0.79 -2.52
C ASN C 83 20.88 0.31 -2.73
N LEU C 84 21.10 -0.54 -3.73
CA LEU C 84 22.46 -0.87 -4.14
C LEU C 84 23.18 0.39 -4.63
N TYR C 85 24.49 0.43 -4.43
CA TYR C 85 25.28 1.59 -4.80
C TYR C 85 25.92 1.38 -6.17
N VAL C 86 26.00 2.46 -6.94
CA VAL C 86 26.66 2.47 -8.23
C VAL C 86 27.58 3.68 -8.28
N TYR C 87 28.54 3.63 -9.20
CA TYR C 87 29.38 4.78 -9.45
C TYR C 87 28.66 5.77 -10.37
N CYS C 88 28.94 7.04 -10.18
CA CYS C 88 28.43 8.05 -11.09
C CYS C 88 29.12 7.91 -12.44
N SER C 89 28.31 7.83 -13.51
CA SER C 89 28.85 7.58 -14.85
C SER C 89 29.86 8.63 -15.29
N ASN C 90 29.88 9.79 -14.63
CA ASN C 90 30.83 10.84 -14.95
C ASN C 90 32.15 10.66 -14.22
N ALA C 91 32.47 9.43 -13.84
CA ALA C 91 33.76 9.07 -13.29
C ALA C 91 34.86 9.30 -14.33
N PRO C 92 36.11 9.48 -13.87
CA PRO C 92 36.49 9.59 -12.46
C PRO C 92 36.33 11.01 -11.95
N GLY C 93 36.00 11.93 -12.86
CA GLY C 93 35.90 13.34 -12.49
C GLY C 93 35.01 13.59 -11.30
N CYS C 94 33.80 13.03 -11.33
CA CYS C 94 32.90 13.03 -10.18
C CYS C 94 33.03 11.70 -9.46
N ASN C 95 33.40 11.74 -8.18
CA ASN C 95 33.72 10.54 -7.43
C ASN C 95 32.53 10.00 -6.64
N ALA C 96 31.33 10.54 -6.86
CA ALA C 96 30.18 10.19 -6.04
C ALA C 96 29.77 8.74 -6.25
N LYS C 97 29.46 8.06 -5.15
CA LYS C 97 28.85 6.73 -5.17
C LYS C 97 27.40 6.89 -4.73
N VAL C 98 26.48 6.72 -5.67
CA VAL C 98 25.07 7.01 -5.45
C VAL C 98 24.31 5.70 -5.41
N ILE C 99 23.07 5.76 -4.95
CA ILE C 99 22.20 4.60 -4.95
C ILE C 99 21.38 4.59 -6.23
N LEU C 100 21.08 3.39 -6.72
CA LEU C 100 20.43 3.24 -8.03
C LEU C 100 19.10 3.99 -8.07
N GLY C 101 18.35 3.97 -6.97
CA GLY C 101 17.05 4.62 -6.94
C GLY C 101 17.11 6.12 -7.05
N ARG C 102 18.28 6.73 -6.81
CA ARG C 102 18.47 8.16 -6.96
C ARG C 102 19.57 8.50 -7.96
N TYR C 103 19.93 7.54 -8.82
CA TYR C 103 20.91 7.81 -9.86
C TYR C 103 20.48 8.98 -10.73
N GLN C 104 19.23 8.98 -11.17
CA GLN C 104 18.73 10.04 -12.03
C GLN C 104 18.71 11.39 -11.33
N ASP C 105 18.53 11.38 -10.00
CA ASP C 105 18.52 12.64 -9.26
C ASP C 105 19.92 13.24 -9.17
N HIS C 106 20.94 12.41 -8.98
CA HIS C 106 22.30 12.93 -8.84
C HIS C 106 22.75 13.65 -10.10
N LEU C 107 22.53 13.03 -11.27
CA LEU C 107 22.96 13.64 -12.53
C LEU C 107 22.40 15.05 -12.69
N GLN C 108 21.18 15.28 -12.21
CA GLN C 108 20.56 16.59 -12.33
C GLN C 108 21.27 17.67 -11.51
N GLN C 109 22.22 17.29 -10.66
CA GLN C 109 23.08 18.26 -9.98
C GLN C 109 24.55 17.91 -10.08
N CYS C 110 24.90 16.83 -10.79
CA CYS C 110 26.29 16.41 -10.92
C CYS C 110 27.13 17.48 -11.59
N LEU C 111 28.27 17.82 -10.96
CA LEU C 111 29.11 18.88 -11.48
C LEU C 111 29.77 18.49 -12.80
N PHE C 112 29.96 17.19 -13.04
CA PHE C 112 30.64 16.72 -14.24
C PHE C 112 29.67 16.18 -15.29
N GLN C 113 28.44 16.67 -15.27
CA GLN C 113 27.41 16.30 -16.24
C GLN C 113 27.30 17.37 -17.32
N PRO C 114 27.27 16.99 -18.59
CA PRO C 114 27.18 18.00 -19.66
C PRO C 114 25.79 18.59 -19.74
N VAL C 115 25.72 19.90 -20.00
CA VAL C 115 24.47 20.64 -20.06
C VAL C 115 24.53 21.62 -21.23
N GLN C 116 23.47 22.42 -21.36
CA GLN C 116 23.25 23.32 -22.47
C GLN C 116 23.47 24.76 -22.04
N CYS C 117 23.73 25.63 -23.01
CA CYS C 117 23.89 27.05 -22.73
C CYS C 117 22.57 27.79 -22.84
N CYS C 122 24.94 28.63 -27.18
CA CYS C 122 25.84 27.51 -27.44
C CYS C 122 25.04 26.22 -27.61
N ARG C 123 25.45 25.44 -28.60
CA ARG C 123 25.21 24.01 -28.61
C ARG C 123 26.51 23.23 -28.54
N GLU C 124 27.59 23.86 -28.07
CA GLU C 124 28.84 23.17 -27.77
C GLU C 124 28.78 22.56 -26.38
N PRO C 125 29.59 21.54 -26.13
CA PRO C 125 29.45 20.79 -24.88
C PRO C 125 30.23 21.39 -23.71
N VAL C 126 29.54 21.64 -22.60
CA VAL C 126 30.16 22.14 -21.38
C VAL C 126 29.59 21.36 -20.19
N LEU C 127 30.41 21.19 -19.16
CA LEU C 127 29.94 20.57 -17.95
C LEU C 127 29.22 21.59 -17.07
N ARG C 128 28.44 21.09 -16.11
CA ARG C 128 27.69 21.98 -15.23
C ARG C 128 28.62 22.88 -14.44
N LYS C 129 29.79 22.39 -14.05
CA LYS C 129 30.72 23.18 -13.25
C LYS C 129 31.25 24.37 -14.04
N ASP C 130 31.72 24.13 -15.26
CA ASP C 130 32.38 25.16 -16.06
C ASP C 130 31.44 25.82 -17.06
N LEU C 131 30.15 25.92 -16.74
CA LEU C 131 29.17 26.48 -17.69
C LEU C 131 29.19 28.00 -17.70
N LYS C 132 29.42 28.62 -16.54
CA LYS C 132 29.31 30.07 -16.47
C LYS C 132 30.63 30.77 -16.71
N GLU C 133 31.74 30.18 -16.29
CA GLU C 133 33.02 30.50 -16.90
C GLU C 133 32.96 30.26 -18.41
N HIS C 134 32.18 29.27 -18.85
CA HIS C 134 31.80 29.29 -20.25
C HIS C 134 31.07 30.60 -20.50
N LEU C 135 29.80 30.72 -20.09
CA LEU C 135 28.93 31.77 -20.64
C LEU C 135 29.53 33.18 -20.57
N SER C 136 30.61 33.40 -19.81
CA SER C 136 31.29 34.70 -19.78
C SER C 136 32.57 34.76 -20.60
N ALA C 137 33.20 33.61 -20.87
CA ALA C 137 34.42 33.53 -21.68
C ALA C 137 34.24 32.47 -22.78
N SER C 138 33.13 32.56 -23.49
CA SER C 138 32.65 31.43 -24.27
C SER C 138 31.83 31.91 -25.45
N CYS C 139 30.90 31.04 -25.83
CA CYS C 139 29.88 31.22 -26.85
C CYS C 139 29.32 32.63 -26.85
N GLN C 140 29.43 33.27 -28.01
CA GLN C 140 28.69 34.49 -28.34
C GLN C 140 28.51 35.47 -27.17
N GLN D 3 8.62 -18.69 16.18
CA GLN D 3 9.38 -19.91 15.98
C GLN D 3 10.23 -19.87 14.72
N GLY D 4 11.21 -18.95 14.70
CA GLY D 4 12.18 -18.90 13.63
C GLY D 4 13.24 -19.99 13.79
N TYR D 5 14.39 -19.76 13.17
CA TYR D 5 15.49 -20.72 13.20
C TYR D 5 16.54 -20.27 14.22
N ASP D 6 16.71 -21.10 15.26
CA ASP D 6 17.73 -20.87 16.29
C ASP D 6 18.87 -21.88 16.05
N VAL D 7 19.74 -21.56 15.08
CA VAL D 7 20.61 -22.60 14.52
C VAL D 7 22.07 -22.24 14.23
N GLU D 8 22.54 -21.03 14.57
CA GLU D 8 23.97 -20.70 14.46
C GLU D 8 24.49 -20.75 13.01
N PHE D 9 24.11 -19.74 12.23
CA PHE D 9 24.59 -19.63 10.85
C PHE D 9 26.10 -19.38 10.78
N ASP D 10 26.81 -20.24 10.04
CA ASP D 10 28.27 -20.18 9.98
C ASP D 10 28.79 -18.86 9.44
N PRO D 11 28.32 -18.33 8.31
CA PRO D 11 28.39 -16.88 8.11
C PRO D 11 27.17 -16.22 8.71
N PRO D 12 27.35 -15.09 9.39
CA PRO D 12 26.22 -14.50 10.14
C PRO D 12 25.04 -14.19 9.24
N LEU D 13 23.85 -14.26 9.83
CA LEU D 13 22.63 -14.05 9.05
C LEU D 13 22.51 -12.59 8.63
N GLU D 14 22.33 -12.37 7.33
CA GLU D 14 22.01 -11.03 6.85
C GLU D 14 20.66 -10.59 7.41
N SER D 15 20.60 -9.34 7.86
CA SER D 15 19.40 -8.84 8.53
C SER D 15 18.18 -8.85 7.61
N LYS D 16 18.40 -8.82 6.29
CA LYS D 16 17.28 -8.91 5.36
C LYS D 16 16.50 -10.20 5.54
N TYR D 17 17.18 -11.26 6.02
CA TYR D 17 16.56 -12.55 6.26
C TYR D 17 16.29 -12.80 7.73
N GLU D 18 16.09 -11.73 8.50
CA GLU D 18 15.79 -11.82 9.93
C GLU D 18 14.36 -11.40 10.17
N CYS D 19 13.65 -12.17 11.00
CA CYS D 19 12.24 -11.88 11.28
C CYS D 19 12.12 -10.81 12.34
N PRO D 20 11.49 -9.67 12.06
CA PRO D 20 11.46 -8.57 13.03
C PRO D 20 10.75 -8.91 14.32
N ILE D 21 9.87 -9.92 14.33
CA ILE D 21 9.09 -10.23 15.53
C ILE D 21 9.89 -11.13 16.46
N CYS D 22 10.33 -12.28 15.95
CA CYS D 22 11.09 -13.23 16.75
C CYS D 22 12.59 -12.98 16.75
N LEU D 23 13.09 -12.14 15.83
CA LEU D 23 14.50 -11.77 15.74
C LEU D 23 15.40 -12.98 15.42
N MET D 24 14.84 -13.96 14.73
CA MET D 24 15.58 -15.11 14.24
C MET D 24 15.28 -15.29 12.75
N ALA D 25 16.04 -16.19 12.12
CA ALA D 25 15.83 -16.46 10.71
C ALA D 25 14.38 -16.83 10.42
N LEU D 26 13.87 -16.31 9.32
CA LEU D 26 12.47 -16.54 8.97
C LEU D 26 12.20 -18.02 8.73
N ARG D 27 11.11 -18.51 9.31
CA ARG D 27 10.64 -19.88 9.08
C ARG D 27 9.32 -19.82 8.35
N GLU D 28 9.22 -20.52 7.22
CA GLU D 28 8.10 -20.43 6.31
C GLU D 28 7.83 -18.97 5.96
N ALA D 29 8.86 -18.34 5.40
CA ALA D 29 8.87 -16.89 5.22
C ALA D 29 7.71 -16.43 4.35
N VAL D 30 7.19 -15.25 4.67
CA VAL D 30 6.11 -14.62 3.92
C VAL D 30 6.39 -13.12 3.83
N GLN D 31 6.00 -12.52 2.71
CA GLN D 31 6.18 -11.10 2.49
C GLN D 31 4.83 -10.41 2.42
N THR D 32 4.83 -9.14 2.80
CA THR D 32 3.69 -8.25 2.90
C THR D 32 3.68 -7.27 1.75
N PRO D 33 2.56 -6.60 1.50
CA PRO D 33 2.58 -5.46 0.58
C PRO D 33 3.52 -4.34 1.00
N CYS D 34 3.82 -4.22 2.29
CA CYS D 34 4.73 -3.15 2.70
C CYS D 34 6.19 -3.48 2.43
N GLY D 35 6.48 -4.64 1.84
CA GLY D 35 7.84 -5.03 1.57
C GLY D 35 8.59 -5.40 2.82
N HIS D 36 8.03 -6.34 3.59
CA HIS D 36 8.63 -6.74 4.85
C HIS D 36 8.36 -8.22 5.07
N ARG D 37 9.40 -8.96 5.44
CA ARG D 37 9.31 -10.41 5.60
C ARG D 37 9.13 -10.77 7.07
N PHE D 38 8.29 -11.77 7.31
CA PHE D 38 8.11 -12.37 8.63
C PHE D 38 8.01 -13.88 8.47
N CYS D 39 8.25 -14.60 9.56
CA CYS D 39 7.78 -15.98 9.64
C CYS D 39 6.26 -16.00 9.47
N LYS D 40 5.75 -17.08 8.91
CA LYS D 40 4.30 -17.23 8.83
C LYS D 40 3.69 -17.19 10.22
N ALA D 41 4.28 -17.94 11.16
CA ALA D 41 3.71 -18.07 12.49
C ALA D 41 3.70 -16.73 13.23
N CYS D 42 4.81 -15.99 13.16
CA CYS D 42 4.97 -14.81 14.00
C CYS D 42 4.04 -13.68 13.56
N ILE D 43 3.80 -13.54 12.26
CA ILE D 43 2.96 -12.43 11.81
C ILE D 43 1.48 -12.74 11.96
N ILE D 44 1.08 -14.01 11.76
CA ILE D 44 -0.34 -14.36 11.89
C ILE D 44 -0.78 -14.15 13.33
N LYS D 45 0.07 -14.49 14.30
CA LYS D 45 -0.27 -14.25 15.69
C LYS D 45 -0.24 -12.77 16.03
N SER D 46 0.59 -11.99 15.31
CA SER D 46 0.59 -10.55 15.52
C SER D 46 -0.69 -9.91 14.99
N ILE D 47 -1.21 -10.43 13.88
CA ILE D 47 -2.52 -10.00 13.42
C ILE D 47 -3.58 -10.34 14.45
N ARG D 48 -3.47 -11.53 15.04
CA ARG D 48 -4.44 -11.96 16.04
C ARG D 48 -4.29 -11.14 17.32
N ASP D 49 -3.06 -10.95 17.80
CA ASP D 49 -2.84 -10.27 19.07
C ASP D 49 -2.89 -8.75 18.92
N ALA D 50 -2.12 -8.21 17.96
CA ALA D 50 -2.00 -6.76 17.84
C ALA D 50 -3.08 -6.15 16.96
N GLY D 51 -3.41 -6.76 15.83
CA GLY D 51 -4.45 -6.26 14.94
C GLY D 51 -4.00 -6.30 13.49
N HIS D 52 -4.81 -5.67 12.64
CA HIS D 52 -4.60 -5.72 11.18
C HIS D 52 -3.63 -4.62 10.77
N LYS D 53 -2.35 -4.90 10.97
CA LYS D 53 -1.29 -3.90 10.85
C LYS D 53 0.05 -4.62 10.78
N CYS D 54 0.98 -4.03 10.04
CA CYS D 54 2.34 -4.56 9.98
C CYS D 54 3.22 -3.87 11.02
N PRO D 55 3.87 -4.61 11.92
CA PRO D 55 4.55 -3.96 13.05
C PRO D 55 5.69 -3.06 12.65
N VAL D 56 6.22 -3.18 11.42
CA VAL D 56 7.39 -2.42 11.02
C VAL D 56 7.03 -0.98 10.72
N ASP D 57 5.90 -0.73 10.06
CA ASP D 57 5.58 0.59 9.55
C ASP D 57 4.15 1.03 9.81
N ASN D 58 3.34 0.23 10.51
CA ASN D 58 1.96 0.53 10.84
C ASN D 58 1.05 0.55 9.62
N GLU D 59 1.48 -0.04 8.52
CA GLU D 59 0.61 -0.14 7.35
C GLU D 59 -0.45 -1.22 7.58
N ILE D 60 -1.61 -1.01 6.96
CA ILE D 60 -2.72 -1.95 7.09
C ILE D 60 -2.32 -3.28 6.43
N LEU D 61 -2.67 -4.39 7.08
CA LEU D 61 -2.28 -5.69 6.58
C LEU D 61 -3.32 -6.73 6.98
N LEU D 62 -3.70 -7.57 6.02
CA LEU D 62 -4.63 -8.67 6.23
C LEU D 62 -3.91 -9.98 5.97
N GLU D 63 -4.52 -11.08 6.43
CA GLU D 63 -3.85 -12.37 6.38
C GLU D 63 -3.64 -12.85 4.95
N ASN D 64 -4.69 -12.81 4.13
CA ASN D 64 -4.57 -13.30 2.76
C ASN D 64 -3.90 -12.30 1.83
N GLN D 65 -3.43 -11.16 2.36
CA GLN D 65 -2.55 -10.27 1.61
C GLN D 65 -1.10 -10.74 1.65
N LEU D 66 -0.79 -11.74 2.45
CA LEU D 66 0.57 -12.26 2.57
C LEU D 66 0.83 -13.30 1.49
N PHE D 67 1.95 -13.15 0.80
CA PHE D 67 2.41 -14.13 -0.15
C PHE D 67 3.63 -14.87 0.38
N PRO D 68 3.72 -16.18 0.18
CA PRO D 68 4.90 -16.90 0.65
C PRO D 68 6.15 -16.48 -0.12
N ASP D 69 7.21 -16.15 0.63
CA ASP D 69 8.46 -15.67 0.05
C ASP D 69 9.35 -16.89 -0.17
N ASN D 70 9.16 -17.55 -1.30
CA ASN D 70 9.90 -18.78 -1.61
C ASN D 70 11.32 -18.51 -2.11
N PHE D 71 11.64 -17.29 -2.51
CA PHE D 71 13.03 -16.98 -2.82
C PHE D 71 13.85 -16.82 -1.54
N ALA D 72 13.35 -16.04 -0.59
CA ALA D 72 14.01 -15.95 0.70
C ALA D 72 13.97 -17.27 1.45
N LYS D 73 12.91 -18.05 1.26
CA LYS D 73 12.84 -19.37 1.89
C LYS D 73 13.92 -20.29 1.33
N ARG D 74 14.17 -20.24 0.03
CA ARG D 74 15.20 -21.06 -0.58
C ARG D 74 16.59 -20.64 -0.09
N GLU D 75 16.87 -19.34 -0.09
CA GLU D 75 18.21 -18.86 0.22
C GLU D 75 18.59 -19.19 1.66
N ILE D 76 17.64 -19.10 2.59
CA ILE D 76 17.93 -19.41 3.98
C ILE D 76 18.07 -20.92 4.17
N LEU D 77 17.34 -21.72 3.38
CA LEU D 77 17.50 -23.17 3.49
C LEU D 77 18.87 -23.60 2.96
N SER D 78 19.34 -22.96 1.88
CA SER D 78 20.70 -23.18 1.43
C SER D 78 21.73 -22.51 2.33
N LEU D 79 21.29 -21.76 3.34
CA LEU D 79 22.22 -21.04 4.27
C LEU D 79 23.10 -22.03 5.07
N MET D 80 24.31 -21.61 5.43
CA MET D 80 25.29 -22.44 6.19
C MET D 80 25.15 -22.19 7.70
N VAL D 81 24.93 -23.27 8.47
CA VAL D 81 24.67 -23.21 9.91
C VAL D 81 25.66 -24.05 10.72
N CYS D 83 25.80 -27.32 13.50
CA CYS D 83 25.11 -28.17 14.47
C CYS D 83 25.28 -27.60 15.88
N PRO D 84 24.18 -27.59 16.64
CA PRO D 84 24.25 -27.05 18.01
C PRO D 84 24.75 -28.03 19.06
N ASN D 85 24.85 -29.31 18.74
CA ASN D 85 25.26 -30.32 19.72
C ASN D 85 26.68 -30.09 20.22
N CYS D 88 29.95 -30.77 18.65
CA CYS D 88 29.85 -31.05 17.22
C CYS D 88 30.11 -29.80 16.39
N LEU D 89 31.04 -29.91 15.44
CA LEU D 89 31.41 -28.78 14.60
C LEU D 89 31.56 -29.24 13.15
N GLU D 93 23.95 -27.63 4.48
CA GLU D 93 23.06 -26.48 4.52
C GLU D 93 21.97 -26.73 5.55
N LEU D 94 21.33 -25.65 6.07
CA LEU D 94 20.28 -25.81 7.08
C LEU D 94 19.20 -26.74 6.58
N ARG D 95 19.04 -26.82 5.26
CA ARG D 95 18.14 -27.80 4.65
C ARG D 95 18.38 -29.20 5.18
N HIS D 96 19.62 -29.55 5.47
CA HIS D 96 20.01 -30.92 5.81
C HIS D 96 20.26 -31.14 7.29
N LEU D 97 20.02 -30.14 8.15
CA LEU D 97 20.51 -30.24 9.52
C LEU D 97 19.81 -31.36 10.30
N GLU D 98 18.48 -31.41 10.24
CA GLU D 98 17.75 -32.39 11.04
C GLU D 98 18.03 -33.82 10.61
N ASP D 99 18.55 -34.03 9.40
CA ASP D 99 18.98 -35.36 8.97
C ASP D 99 20.43 -35.64 9.32
N HIS D 100 21.22 -34.61 9.65
CA HIS D 100 22.49 -34.83 10.33
C HIS D 100 22.25 -35.09 11.82
N GLN D 101 21.28 -34.40 12.41
CA GLN D 101 20.93 -34.62 13.82
C GLN D 101 20.42 -36.02 14.08
N ALA D 102 19.90 -36.69 13.07
CA ALA D 102 19.33 -38.02 13.27
C ALA D 102 20.43 -39.05 13.46
N CYS D 104 23.67 -37.97 14.11
CA CYS D 104 24.40 -37.35 15.22
C CYS D 104 25.35 -38.34 15.89
N GLU D 105 26.51 -37.86 16.29
CA GLU D 105 27.38 -38.61 17.18
C GLU D 105 27.34 -38.06 18.60
N PHE D 106 27.20 -36.75 18.75
CA PHE D 106 27.12 -36.09 20.05
C PHE D 106 25.67 -35.69 20.30
N ALA D 107 25.05 -36.29 21.30
CA ALA D 107 23.65 -35.99 21.63
C ALA D 107 23.31 -36.48 23.04
#